data_3QOO
#
_entry.id   3QOO
#
_cell.length_a   38.078
_cell.length_b   38.078
_cell.length_c   142.148
_cell.angle_alpha   90.00
_cell.angle_beta   90.00
_cell.angle_gamma   120.00
#
_symmetry.space_group_name_H-M   'P 32 2 1'
#
loop_
_entity.id
_entity.type
_entity.pdbx_description
1 polymer 'Uncharacterized protein'
2 non-polymer 'SODIUM ION'
3 non-polymer 'CHLORIDE ION'
4 water water
#
_entity_poly.entity_id   1
_entity_poly.type   'polypeptide(L)'
_entity_poly.pdbx_seq_one_letter_code
;SNA(MSE)DFNELFPVGTYRR(MSE)VKKVSVSDTVTNRSKALEEF(MSE)STAAFLET(MSE)TQLAVEILDHKLPEGF
VSVGVRSEVHNLAPAVLGDDVTFTVTVDRVEGNRVVLS(MSE)KADDPHGPVATGLQERVVVSTDLLEKRVWERFGGR
;
_entity_poly.pdbx_strand_id   A
#
loop_
_chem_comp.id
_chem_comp.type
_chem_comp.name
_chem_comp.formula
CL non-polymer 'CHLORIDE ION' 'Cl -1'
NA non-polymer 'SODIUM ION' 'Na 1'
#
# COMPACT_ATOMS: atom_id res chain seq x y z
N MSE A 4 -12.21 -1.57 19.71
CA MSE A 4 -11.10 -2.20 18.92
C MSE A 4 -9.77 -1.97 19.63
O MSE A 4 -9.49 -0.85 20.05
CB MSE A 4 -11.01 -1.61 17.52
CG MSE A 4 -12.04 -2.10 16.54
SE MSE A 4 -11.98 -1.02 14.96
CE MSE A 4 -12.92 0.51 15.68
N ASP A 5 -8.97 -3.02 19.72
CA ASP A 5 -7.60 -2.94 20.23
C ASP A 5 -6.67 -3.26 19.08
N PHE A 6 -6.17 -2.22 18.43
CA PHE A 6 -5.38 -2.41 17.20
C PHE A 6 -4.05 -3.09 17.51
N ASN A 7 -3.55 -2.97 18.75
CA ASN A 7 -2.32 -3.69 19.12
C ASN A 7 -2.59 -5.20 19.06
N GLU A 8 -3.80 -5.62 19.46
CA GLU A 8 -4.26 -7.03 19.35
C GLU A 8 -4.56 -7.52 17.94
N LEU A 9 -5.31 -6.72 17.17
CA LEU A 9 -5.69 -7.13 15.81
C LEU A 9 -4.48 -7.18 14.88
N PHE A 10 -3.44 -6.37 15.15
CA PHE A 10 -2.30 -6.19 14.23
C PHE A 10 -1.00 -6.33 14.96
N PRO A 11 -0.64 -7.55 15.33
CA PRO A 11 0.62 -7.65 16.00
C PRO A 11 1.77 -7.20 15.12
N VAL A 12 2.74 -6.51 15.72
CA VAL A 12 3.95 -6.15 15.03
C VAL A 12 4.57 -7.42 14.44
N GLY A 13 4.98 -7.35 13.18
CA GLY A 13 5.60 -8.45 12.47
C GLY A 13 4.65 -9.24 11.59
N THR A 14 3.35 -9.04 11.75
CA THR A 14 2.34 -9.66 10.90
C THR A 14 2.61 -9.28 9.46
N TYR A 15 2.65 -10.24 8.55
CA TYR A 15 2.96 -9.94 7.15
C TYR A 15 2.20 -10.76 6.15
N ARG A 16 2.12 -10.25 4.94
N ARG A 16 2.11 -10.24 4.94
CA ARG A 16 1.63 -10.97 3.79
CA ARG A 16 1.64 -10.99 3.79
C ARG A 16 2.57 -10.72 2.62
C ARG A 16 2.57 -10.73 2.62
N ARG A 17 2.52 -11.65 1.66
CA ARG A 17 3.32 -11.58 0.46
C ARG A 17 2.48 -11.77 -0.73
N MSE A 18 2.93 -11.21 -1.85
CA MSE A 18 2.44 -11.63 -3.15
C MSE A 18 3.50 -11.43 -4.20
O MSE A 18 4.43 -10.66 -4.02
CB MSE A 18 1.16 -10.88 -3.52
CG MSE A 18 1.37 -9.43 -3.73
SE MSE A 18 -0.23 -8.42 -4.25
CE MSE A 18 -0.30 -9.00 -6.02
N VAL A 19 3.31 -12.12 -5.32
CA VAL A 19 4.19 -12.05 -6.45
C VAL A 19 3.47 -11.33 -7.58
N LYS A 20 4.14 -10.33 -8.12
CA LYS A 20 3.58 -9.46 -9.12
C LYS A 20 4.46 -9.57 -10.36
N LYS A 21 3.87 -9.92 -11.52
CA LYS A 21 4.61 -9.92 -12.78
C LYS A 21 4.59 -8.51 -13.37
N VAL A 22 5.75 -8.04 -13.80
CA VAL A 22 5.82 -6.68 -14.35
C VAL A 22 5.26 -6.69 -15.76
N SER A 23 4.22 -5.89 -15.98
CA SER A 23 3.53 -5.79 -17.26
C SER A 23 3.52 -4.34 -17.74
N VAL A 24 3.05 -4.13 -18.96
N VAL A 24 3.05 -4.10 -18.97
CA VAL A 24 3.07 -2.79 -19.55
CA VAL A 24 3.08 -2.73 -19.49
C VAL A 24 2.28 -1.78 -18.68
C VAL A 24 2.28 -1.77 -18.64
N SER A 25 1.19 -2.23 -18.03
CA SER A 25 0.40 -1.31 -17.20
C SER A 25 1.13 -0.88 -15.94
N ASP A 26 2.20 -1.59 -15.58
CA ASP A 26 3.02 -1.29 -14.43
C ASP A 26 4.20 -0.41 -14.78
N THR A 27 4.42 -0.08 -16.05
CA THR A 27 5.58 0.69 -16.49
C THR A 27 5.14 2.01 -17.08
N VAL A 28 3.93 2.02 -17.65
CA VAL A 28 3.45 3.20 -18.38
C VAL A 28 3.27 4.34 -17.41
N THR A 29 3.03 3.96 -16.14
CA THR A 29 2.88 4.89 -15.04
C THR A 29 4.18 5.57 -14.57
N ASN A 30 5.30 5.21 -15.22
CA ASN A 30 6.52 6.06 -15.21
C ASN A 30 6.33 7.43 -15.90
N ARG A 31 5.29 7.52 -16.74
CA ARG A 31 4.97 8.77 -17.46
C ARG A 31 6.20 9.31 -18.22
N SER A 32 6.90 8.38 -18.85
CA SER A 32 8.15 8.66 -19.56
C SER A 32 8.44 7.51 -20.52
N LYS A 33 8.37 7.77 -21.82
CA LYS A 33 8.59 6.70 -22.79
C LYS A 33 9.91 5.99 -22.56
N ALA A 34 10.94 6.76 -22.23
CA ALA A 34 12.29 6.22 -22.01
C ALA A 34 12.35 5.17 -20.89
N LEU A 35 11.36 5.16 -19.99
CA LEU A 35 11.37 4.25 -18.84
C LEU A 35 10.39 3.11 -18.97
N GLU A 36 10.03 2.76 -20.20
CA GLU A 36 9.04 1.75 -20.45
C GLU A 36 9.49 0.34 -20.09
N GLU A 37 10.78 0.12 -19.83
CA GLU A 37 11.30 -1.22 -19.60
C GLU A 37 11.10 -1.72 -18.18
N PHE A 38 10.78 -0.87 -17.22
CA PHE A 38 10.74 -1.33 -15.84
C PHE A 38 9.63 -0.73 -15.01
N MSE A 39 9.36 -1.37 -13.90
CA MSE A 39 8.21 -1.04 -13.08
C MSE A 39 8.34 0.36 -12.48
O MSE A 39 9.41 0.74 -11.98
CB MSE A 39 8.11 -2.08 -11.95
CG MSE A 39 6.93 -1.89 -10.99
SE MSE A 39 6.64 -3.40 -9.78
CE MSE A 39 5.29 -3.97 -10.81
N SER A 40 7.24 1.10 -12.48
CA SER A 40 7.19 2.48 -11.98
C SER A 40 7.01 2.53 -10.47
N THR A 41 7.33 3.68 -9.90
CA THR A 41 7.11 3.91 -8.49
C THR A 41 5.64 3.78 -8.13
N ALA A 42 4.75 4.28 -8.98
CA ALA A 42 3.32 4.18 -8.74
C ALA A 42 2.89 2.72 -8.65
N ALA A 43 3.46 1.85 -9.48
CA ALA A 43 3.15 0.44 -9.45
C ALA A 43 3.62 -0.19 -8.15
N PHE A 44 4.82 0.11 -7.71
CA PHE A 44 5.27 -0.37 -6.39
C PHE A 44 4.32 0.06 -5.30
N LEU A 45 3.87 1.31 -5.36
CA LEU A 45 2.95 1.84 -4.37
C LEU A 45 1.60 1.12 -4.41
N GLU A 46 1.03 0.96 -5.60
CA GLU A 46 -0.25 0.30 -5.74
C GLU A 46 -0.21 -1.12 -5.12
N THR A 47 0.90 -1.83 -5.34
CA THR A 47 1.02 -3.20 -4.87
C THR A 47 1.18 -3.24 -3.34
N MSE A 48 1.95 -2.29 -2.81
CA MSE A 48 2.05 -2.12 -1.38
C MSE A 48 0.69 -1.87 -0.75
O MSE A 48 0.33 -2.49 0.28
CB MSE A 48 3.02 -0.99 -1.06
CG MSE A 48 3.10 -0.68 0.44
SE MSE A 48 4.57 0.52 0.93
CE MSE A 48 4.06 2.11 -0.10
N THR A 49 -0.09 -1.00 -1.37
CA THR A 49 -1.43 -0.68 -0.91
C THR A 49 -2.31 -1.94 -0.89
N GLN A 50 -2.27 -2.70 -1.99
CA GLN A 50 -3.05 -3.91 -2.08
C GLN A 50 -2.76 -4.87 -0.94
N LEU A 51 -1.49 -5.10 -0.68
CA LEU A 51 -1.12 -6.00 0.42
C LEU A 51 -1.47 -5.44 1.78
N ALA A 52 -1.29 -4.14 1.99
CA ALA A 52 -1.62 -3.56 3.28
C ALA A 52 -3.11 -3.74 3.54
N VAL A 53 -3.93 -3.51 2.53
CA VAL A 53 -5.36 -3.68 2.70
C VAL A 53 -5.67 -5.16 2.98
N GLU A 54 -5.01 -6.09 2.29
CA GLU A 54 -5.18 -7.52 2.55
C GLU A 54 -4.79 -7.94 3.96
N ILE A 55 -3.84 -7.24 4.57
CA ILE A 55 -3.44 -7.57 5.93
C ILE A 55 -4.44 -7.02 6.93
N LEU A 56 -4.90 -5.78 6.74
CA LEU A 56 -5.65 -5.10 7.79
C LEU A 56 -7.17 -5.28 7.72
N ASP A 57 -7.77 -5.13 6.55
CA ASP A 57 -9.20 -4.80 6.55
C ASP A 57 -10.06 -5.95 7.02
N HIS A 58 -9.68 -7.19 6.69
CA HIS A 58 -10.48 -8.34 7.10
C HIS A 58 -10.40 -8.56 8.62
N LYS A 59 -9.43 -7.93 9.28
CA LYS A 59 -9.32 -7.99 10.73
C LYS A 59 -10.11 -6.91 11.44
N LEU A 60 -10.76 -6.01 10.69
CA LEU A 60 -11.58 -4.96 11.25
C LEU A 60 -13.02 -5.37 11.29
N PRO A 61 -13.75 -4.91 12.32
CA PRO A 61 -15.14 -5.29 12.43
C PRO A 61 -16.02 -4.61 11.40
N GLU A 62 -17.21 -5.13 11.22
CA GLU A 62 -18.17 -4.61 10.28
C GLU A 62 -18.35 -3.13 10.45
N GLY A 63 -18.27 -2.40 9.34
CA GLY A 63 -18.42 -0.95 9.34
C GLY A 63 -17.15 -0.17 9.36
N PHE A 64 -16.01 -0.85 9.42
CA PHE A 64 -14.72 -0.19 9.47
C PHE A 64 -13.83 -0.69 8.33
N VAL A 65 -13.01 0.23 7.80
CA VAL A 65 -12.02 -0.07 6.76
C VAL A 65 -10.77 0.75 7.06
N SER A 66 -9.69 0.51 6.32
CA SER A 66 -8.49 1.33 6.43
C SER A 66 -8.34 2.27 5.23
N VAL A 67 -7.67 3.40 5.47
CA VAL A 67 -7.42 4.38 4.41
C VAL A 67 -5.96 4.78 4.49
N GLY A 68 -5.32 4.93 3.35
CA GLY A 68 -3.94 5.34 3.30
C GLY A 68 -3.78 6.81 3.64
N VAL A 69 -2.85 7.08 4.57
N VAL A 69 -2.86 7.15 4.56
CA VAL A 69 -2.52 8.40 5.06
CA VAL A 69 -2.55 8.57 4.83
C VAL A 69 -1.24 8.91 4.36
C VAL A 69 -1.13 9.03 4.52
N ARG A 70 -0.20 8.09 4.36
CA ARG A 70 1.14 8.44 3.90
C ARG A 70 1.81 7.24 3.32
N SER A 71 2.50 7.42 2.18
CA SER A 71 3.30 6.36 1.57
C SER A 71 4.65 6.89 1.17
N GLU A 72 5.67 6.06 1.23
CA GLU A 72 7.01 6.36 0.75
C GLU A 72 7.57 5.16 0.06
N VAL A 73 8.24 5.35 -1.07
CA VAL A 73 8.91 4.29 -1.81
C VAL A 73 10.32 4.71 -2.14
N HIS A 74 11.27 3.82 -1.93
CA HIS A 74 12.64 3.98 -2.40
C HIS A 74 12.93 2.96 -3.48
N ASN A 75 13.35 3.44 -4.66
N ASN A 75 13.29 3.43 -4.65
CA ASN A 75 13.65 2.60 -5.82
CA ASN A 75 13.70 2.52 -5.71
C ASN A 75 15.13 2.19 -5.83
C ASN A 75 15.13 2.18 -5.50
N LEU A 76 15.42 0.90 -5.67
CA LEU A 76 16.80 0.37 -5.53
C LEU A 76 17.37 -0.11 -6.84
N ALA A 77 16.59 -0.78 -7.66
CA ALA A 77 17.10 -1.37 -8.87
C ALA A 77 15.92 -1.69 -9.79
N PRO A 78 16.19 -1.78 -11.11
CA PRO A 78 15.10 -1.92 -12.04
C PRO A 78 14.46 -3.31 -12.03
N ALA A 79 13.14 -3.36 -11.98
CA ALA A 79 12.35 -4.57 -12.14
C ALA A 79 11.81 -4.56 -13.56
N VAL A 80 12.46 -5.28 -14.45
CA VAL A 80 12.15 -5.21 -15.88
C VAL A 80 10.78 -5.86 -16.20
N LEU A 81 10.20 -5.45 -17.31
CA LEU A 81 9.05 -6.15 -17.86
C LEU A 81 9.33 -7.66 -17.87
N GLY A 82 8.36 -8.44 -17.42
CA GLY A 82 8.44 -9.91 -17.40
C GLY A 82 9.08 -10.44 -16.13
N ASP A 83 9.64 -9.56 -15.31
CA ASP A 83 10.15 -9.95 -13.99
C ASP A 83 9.02 -10.31 -13.08
N ASP A 84 9.28 -11.23 -12.15
CA ASP A 84 8.36 -11.53 -11.06
C ASP A 84 8.93 -10.94 -9.80
N VAL A 85 8.20 -10.01 -9.24
CA VAL A 85 8.60 -9.28 -8.04
C VAL A 85 7.79 -9.74 -6.84
N THR A 86 8.50 -10.24 -5.83
CA THR A 86 7.86 -10.65 -4.58
C THR A 86 7.81 -9.45 -3.63
N PHE A 87 6.60 -9.07 -3.24
CA PHE A 87 6.36 -8.01 -2.27
C PHE A 87 6.07 -8.63 -0.92
N THR A 88 6.73 -8.09 0.11
CA THR A 88 6.47 -8.46 1.49
C THR A 88 6.11 -7.19 2.24
N VAL A 89 4.90 -7.17 2.81
CA VAL A 89 4.44 -6.06 3.60
C VAL A 89 4.19 -6.52 5.02
N THR A 90 4.70 -5.76 5.98
CA THR A 90 4.80 -6.18 7.38
C THR A 90 4.33 -5.07 8.30
N VAL A 91 3.54 -5.39 9.32
CA VAL A 91 3.17 -4.42 10.33
C VAL A 91 4.40 -4.01 11.13
N ASP A 92 4.73 -2.72 11.09
N ASP A 92 4.70 -2.72 11.13
CA ASP A 92 5.89 -2.18 11.79
CA ASP A 92 5.90 -2.21 11.78
C ASP A 92 5.52 -1.69 13.19
C ASP A 92 5.61 -1.55 13.14
N ARG A 93 4.46 -0.90 13.27
CA ARG A 93 3.98 -0.39 14.54
C ARG A 93 2.55 0.06 14.46
N VAL A 94 1.91 0.16 15.64
CA VAL A 94 0.58 0.71 15.77
C VAL A 94 0.62 2.01 16.62
N GLU A 95 -0.10 3.04 16.20
CA GLU A 95 -0.27 4.21 17.07
C GLU A 95 -1.58 4.90 16.85
N GLY A 96 -2.30 5.03 17.95
CA GLY A 96 -3.68 5.47 17.94
C GLY A 96 -4.48 4.55 17.04
N ASN A 97 -5.16 5.17 16.08
CA ASN A 97 -5.98 4.43 15.10
C ASN A 97 -5.21 4.20 13.81
N ARG A 98 -3.88 4.24 13.89
CA ARG A 98 -3.06 4.06 12.71
C ARG A 98 -2.09 2.89 12.80
N VAL A 99 -1.78 2.33 11.64
CA VAL A 99 -0.86 1.23 11.51
C VAL A 99 0.18 1.66 10.48
N VAL A 100 1.46 1.49 10.83
CA VAL A 100 2.53 1.74 9.87
C VAL A 100 3.08 0.36 9.44
N LEU A 101 3.14 0.15 8.13
CA LEU A 101 3.64 -1.06 7.52
C LEU A 101 4.88 -0.77 6.70
N SER A 102 5.83 -1.69 6.73
CA SER A 102 6.99 -1.61 5.87
C SER A 102 6.82 -2.56 4.68
N MSE A 103 7.60 -2.30 3.64
CA MSE A 103 7.52 -3.06 2.39
C MSE A 103 8.90 -3.31 1.86
O MSE A 103 9.79 -2.44 1.91
CB MSE A 103 6.70 -2.26 1.35
CG MSE A 103 6.51 -2.94 0.02
SE MSE A 103 7.92 -2.61 -1.27
CE MSE A 103 7.31 -0.87 -1.94
N LYS A 104 9.09 -4.52 1.33
CA LYS A 104 10.26 -4.86 0.55
C LYS A 104 9.82 -5.60 -0.67
N ALA A 105 10.40 -5.24 -1.80
CA ALA A 105 10.16 -5.86 -3.09
C ALA A 105 11.47 -6.42 -3.59
N ASP A 106 11.50 -7.71 -3.90
N ASP A 106 11.44 -7.70 -3.97
CA ASP A 106 12.71 -8.31 -4.44
CA ASP A 106 12.62 -8.43 -4.37
C ASP A 106 12.37 -9.34 -5.48
C ASP A 106 12.29 -9.25 -5.61
N ASP A 107 13.30 -9.55 -6.38
CA ASP A 107 13.15 -10.50 -7.44
C ASP A 107 14.29 -11.47 -7.34
N PRO A 108 14.39 -12.39 -8.28
CA PRO A 108 15.44 -13.39 -8.18
C PRO A 108 16.87 -12.84 -8.09
N HIS A 109 17.06 -11.61 -8.55
CA HIS A 109 18.37 -11.02 -8.57
C HIS A 109 18.66 -10.16 -7.36
N GLY A 110 17.69 -9.94 -6.50
CA GLY A 110 17.86 -9.14 -5.29
C GLY A 110 16.77 -8.09 -5.12
N PRO A 111 16.96 -7.19 -4.14
CA PRO A 111 15.97 -6.15 -3.85
C PRO A 111 15.82 -5.15 -4.97
N VAL A 112 14.59 -4.73 -5.23
CA VAL A 112 14.32 -3.73 -6.22
C VAL A 112 13.70 -2.45 -5.63
N ALA A 113 13.01 -2.54 -4.50
CA ALA A 113 12.41 -1.36 -3.86
C ALA A 113 12.11 -1.66 -2.41
N THR A 114 11.98 -0.61 -1.62
CA THR A 114 11.49 -0.67 -0.25
C THR A 114 10.44 0.42 -0.08
N GLY A 115 9.66 0.34 0.98
CA GLY A 115 8.65 1.32 1.21
C GLY A 115 8.05 1.33 2.58
N LEU A 116 7.16 2.27 2.83
CA LEU A 116 6.36 2.25 4.01
C LEU A 116 5.00 2.86 3.69
N GLN A 117 4.01 2.49 4.49
CA GLN A 117 2.68 3.05 4.35
C GLN A 117 2.03 3.16 5.72
N GLU A 118 1.45 4.31 6.03
CA GLU A 118 0.66 4.52 7.21
C GLU A 118 -0.78 4.52 6.79
N ARG A 119 -1.60 3.72 7.47
CA ARG A 119 -3.05 3.66 7.19
C ARG A 119 -3.82 3.95 8.48
N VAL A 120 -5.00 4.54 8.31
CA VAL A 120 -5.88 4.89 9.41
C VAL A 120 -7.14 4.04 9.33
N VAL A 121 -7.63 3.60 10.49
CA VAL A 121 -8.88 2.90 10.55
C VAL A 121 -10.03 3.88 10.68
N VAL A 122 -11.01 3.76 9.78
CA VAL A 122 -12.12 4.70 9.73
C VAL A 122 -13.43 3.91 9.73
N SER A 123 -14.49 4.58 10.20
CA SER A 123 -15.86 4.16 9.97
C SER A 123 -16.25 4.49 8.53
N THR A 124 -16.77 3.52 7.80
CA THR A 124 -17.20 3.74 6.42
C THR A 124 -18.30 4.81 6.41
N ASP A 125 -19.20 4.79 7.40
CA ASP A 125 -20.24 5.82 7.45
C ASP A 125 -19.68 7.24 7.60
N LEU A 126 -18.73 7.38 8.53
CA LEU A 126 -18.14 8.67 8.74
C LEU A 126 -17.30 9.11 7.54
N LEU A 127 -16.64 8.18 6.88
CA LEU A 127 -15.87 8.48 5.66
C LEU A 127 -16.81 9.03 4.58
N GLU A 128 -17.94 8.37 4.39
N GLU A 128 -17.94 8.36 4.37
CA GLU A 128 -18.93 8.78 3.39
CA GLU A 128 -18.91 8.81 3.36
C GLU A 128 -19.40 10.19 3.67
C GLU A 128 -19.38 10.20 3.67
N LYS A 129 -19.63 10.48 4.95
CA LYS A 129 -20.07 11.82 5.35
C LYS A 129 -18.98 12.86 5.14
N ARG A 130 -17.72 12.52 5.39
N ARG A 130 -17.72 12.53 5.38
CA ARG A 130 -16.63 13.44 5.14
CA ARG A 130 -16.65 13.51 5.16
C ARG A 130 -16.62 13.88 3.69
C ARG A 130 -16.49 13.87 3.68
N VAL A 131 -16.70 12.91 2.78
CA VAL A 131 -16.67 13.17 1.35
C VAL A 131 -17.85 14.03 0.98
N TRP A 132 -19.03 13.69 1.49
CA TRP A 132 -20.25 14.46 1.21
C TRP A 132 -20.09 15.90 1.63
N GLU A 133 -19.63 16.11 2.87
N GLU A 133 -19.56 16.11 2.83
CA GLU A 133 -19.52 17.47 3.41
CA GLU A 133 -19.47 17.45 3.41
C GLU A 133 -18.51 18.30 2.62
C GLU A 133 -18.33 18.28 2.79
N ARG A 134 -17.36 17.71 2.32
N ARG A 134 -17.30 17.65 2.24
CA ARG A 134 -16.30 18.43 1.64
CA ARG A 134 -16.22 18.40 1.63
C ARG A 134 -16.82 19.06 0.37
C ARG A 134 -16.67 18.98 0.29
N PHE A 135 -17.57 18.27 -0.38
CA PHE A 135 -18.04 18.69 -1.72
C PHE A 135 -19.42 19.30 -1.75
N GLY A 136 -19.94 19.64 -0.59
CA GLY A 136 -21.22 20.31 -0.48
C GLY A 136 -21.09 21.80 -0.54
N GLY A 137 -22.19 22.46 -0.16
CA GLY A 137 -22.41 23.87 -0.42
C GLY A 137 -21.70 24.72 0.59
N ARG A 138 -21.23 25.88 0.14
CA ARG A 138 -20.59 26.84 1.03
C ARG A 138 -21.68 27.55 1.87
NA NA B . -1.16 -5.31 -16.70
CL CL C . -12.22 17.22 4.48
CL CL D . -13.73 7.73 10.83
CL CL E . -22.40 26.71 -2.81
CL CL F . 10.26 7.94 -7.52
#